data_2QFC
#
_entry.id   2QFC
#
_cell.length_a   85.680
_cell.length_b   85.680
_cell.length_c   189.870
_cell.angle_alpha   90.000
_cell.angle_beta   90.000
_cell.angle_gamma   120.000
#
_symmetry.space_group_name_H-M   'P 61'
#
loop_
_entity.id
_entity.type
_entity.pdbx_description
1 polymer 'PlcR protein'
2 polymer 'C-terminus pentapeptide from PapR protein'
3 non-polymer DI(HYDROXYETHYL)ETHER
4 water water
#
loop_
_entity_poly.entity_id
_entity_poly.type
_entity_poly.pdbx_seq_one_letter_code
_entity_poly.pdbx_strand_id
1 'polypeptide(L)'
;MQAEKLGSEIKKIRVLRGLTQKQLSENICHQSEVSRIESGAVYPSMDILQGIAAKLQIPIIHFYEVLIYSDIERKKQFKD
QVIMLCKQKRYKEIYNKVWNELKKEEYHPEFQQFLQWQYYVAAYVLKKVDYEYCILELKKLLNQQLTGIDVYQNLYIENA
IANIYAENGYLKKGIDLFEQILKQLEALHDNEEFDVKVRYNHAKALYLDSRYEESLYQVNKAIEISCRINSMALIGQLYY
QRGECLRKLEYEEAEIEDAYKKASFFFDILEMHAYKEALVNKISRLEHHHHHH
;
A,B
2 'polypeptide(L)' LPFEF C,D
#
loop_
_chem_comp.id
_chem_comp.type
_chem_comp.name
_chem_comp.formula
PEG non-polymer DI(HYDROXYETHYL)ETHER 'C4 H10 O3'
#
# COMPACT_ATOMS: atom_id res chain seq x y z
N ALA A 3 -0.85 22.21 2.92
CA ALA A 3 -0.69 23.67 3.19
C ALA A 3 0.76 24.12 3.09
N GLU A 4 1.63 23.35 3.73
CA GLU A 4 3.04 23.72 3.94
C GLU A 4 3.98 23.33 2.80
N LYS A 5 3.50 22.51 1.87
CA LYS A 5 4.30 22.09 0.71
C LYS A 5 4.47 23.18 -0.33
N LEU A 6 3.39 23.94 -0.55
CA LEU A 6 3.39 25.04 -1.51
C LEU A 6 4.55 26.00 -1.25
N GLY A 7 4.64 26.50 -0.02
CA GLY A 7 5.74 27.36 0.41
C GLY A 7 7.10 26.69 0.40
N SER A 8 7.14 25.40 0.77
CA SER A 8 8.37 24.60 0.82
C SER A 8 8.99 24.39 -0.56
N GLU A 9 8.14 24.21 -1.57
CA GLU A 9 8.58 24.12 -2.96
C GLU A 9 8.86 25.50 -3.55
N ILE A 10 8.26 26.53 -2.97
CA ILE A 10 8.59 27.91 -3.31
C ILE A 10 9.99 28.29 -2.75
N LYS A 11 10.34 27.73 -1.58
CA LYS A 11 11.69 27.89 -1.01
C LYS A 11 12.74 27.16 -1.84
N LYS A 12 12.55 25.84 -2.00
CA LYS A 12 13.42 25.02 -2.83
C LYS A 12 13.77 25.74 -4.14
N ILE A 13 12.75 26.19 -4.88
CA ILE A 13 12.93 26.74 -6.23
C ILE A 13 13.52 28.16 -6.25
N ARG A 14 12.97 29.07 -5.46
CA ARG A 14 13.45 30.45 -5.46
C ARG A 14 14.95 30.53 -5.07
N VAL A 15 15.37 29.65 -4.15
CA VAL A 15 16.78 29.50 -3.77
C VAL A 15 17.64 29.11 -4.98
N LEU A 16 17.20 28.09 -5.71
CA LEU A 16 17.93 27.60 -6.90
C LEU A 16 17.76 28.46 -8.16
N ARG A 17 16.77 29.36 -8.16
CA ARG A 17 16.53 30.27 -9.30
C ARG A 17 17.66 31.27 -9.49
N GLY A 18 18.07 31.91 -8.40
CA GLY A 18 19.12 32.93 -8.44
C GLY A 18 18.56 34.34 -8.47
N LEU A 19 17.49 34.57 -7.70
CA LEU A 19 16.87 35.90 -7.52
C LEU A 19 16.37 36.04 -6.07
N THR A 20 16.70 37.17 -5.44
CA THR A 20 16.59 37.34 -3.97
C THR A 20 15.16 37.34 -3.39
N GLN A 21 15.03 36.98 -2.11
CA GLN A 21 13.71 36.80 -1.48
C GLN A 21 12.95 38.10 -1.24
N LYS A 22 13.66 39.22 -1.31
CA LYS A 22 13.05 40.52 -1.13
C LYS A 22 12.78 41.20 -2.49
N GLN A 23 13.33 40.62 -3.56
CA GLN A 23 12.96 40.95 -4.94
C GLN A 23 11.62 40.32 -5.30
N LEU A 24 11.37 39.14 -4.74
CA LEU A 24 10.06 38.47 -4.80
C LEU A 24 9.04 39.19 -3.92
N SER A 25 9.52 40.09 -3.05
CA SER A 25 8.67 40.95 -2.23
C SER A 25 8.02 42.03 -3.08
N GLU A 26 8.84 42.71 -3.89
CA GLU A 26 8.35 43.78 -4.74
C GLU A 26 7.57 43.23 -5.94
N ASN A 27 6.43 42.61 -5.65
CA ASN A 27 5.48 42.18 -6.67
C ASN A 27 4.09 42.73 -6.36
N ILE A 28 3.53 42.26 -5.25
CA ILE A 28 2.12 42.42 -4.90
C ILE A 28 1.84 42.30 -3.41
N CYS A 29 2.90 42.10 -2.63
CA CYS A 29 2.77 41.85 -1.18
C CYS A 29 3.99 42.32 -0.40
N HIS A 30 3.81 42.53 0.90
CA HIS A 30 4.93 42.79 1.80
C HIS A 30 5.89 41.59 1.82
N GLN A 31 7.13 41.82 2.27
CA GLN A 31 8.12 40.73 2.43
C GLN A 31 7.53 39.64 3.31
N SER A 32 6.85 40.09 4.37
CA SER A 32 6.19 39.24 5.35
C SER A 32 5.27 38.18 4.75
N GLU A 33 4.38 38.59 3.85
CA GLU A 33 3.43 37.67 3.21
C GLU A 33 4.16 36.53 2.50
N VAL A 34 5.27 36.87 1.84
CA VAL A 34 6.13 35.89 1.16
C VAL A 34 6.66 34.85 2.13
N SER A 35 7.08 35.32 3.30
CA SER A 35 7.57 34.45 4.38
C SER A 35 6.44 33.59 4.97
N ARG A 36 5.29 34.19 5.22
CA ARG A 36 4.12 33.49 5.74
C ARG A 36 3.61 32.45 4.72
N ILE A 37 3.69 32.77 3.44
CA ILE A 37 3.51 31.79 2.36
C ILE A 37 4.64 30.77 2.37
N GLU A 38 5.86 31.26 2.61
CA GLU A 38 7.07 30.46 2.59
C GLU A 38 7.03 29.34 3.62
N SER A 39 6.35 29.59 4.74
CA SER A 39 6.18 28.62 5.83
C SER A 39 4.91 27.77 5.69
N GLY A 40 4.07 28.11 4.70
CA GLY A 40 2.76 27.46 4.55
C GLY A 40 1.66 28.13 5.35
N ALA A 41 2.05 28.84 6.42
CA ALA A 41 1.13 29.60 7.28
C ALA A 41 -0.04 30.16 6.48
N VAL A 42 0.26 31.06 5.54
CA VAL A 42 -0.76 31.59 4.65
C VAL A 42 -0.69 30.85 3.32
N TYR A 43 -1.83 30.29 2.90
CA TYR A 43 -2.02 29.89 1.51
C TYR A 43 -2.14 31.19 0.72
N PRO A 44 -1.27 31.41 -0.29
CA PRO A 44 -1.38 32.63 -1.08
C PRO A 44 -2.72 32.73 -1.80
N SER A 45 -3.18 33.96 -2.05
CA SER A 45 -4.37 34.19 -2.86
C SER A 45 -4.06 33.90 -4.33
N MET A 46 -5.06 33.43 -5.05
CA MET A 46 -4.91 32.98 -6.42
C MET A 46 -4.06 33.93 -7.29
N ASP A 47 -4.22 35.23 -7.06
CA ASP A 47 -3.61 36.24 -7.92
C ASP A 47 -2.19 36.56 -7.50
N ILE A 48 -1.97 36.72 -6.19
CA ILE A 48 -0.63 36.88 -5.65
C ILE A 48 0.25 35.74 -6.17
N LEU A 49 -0.22 34.51 -6.03
CA LEU A 49 0.52 33.34 -6.53
C LEU A 49 0.87 33.47 -8.01
N GLN A 50 -0.08 33.98 -8.80
CA GLN A 50 0.14 34.20 -10.23
C GLN A 50 1.19 35.29 -10.46
N GLY A 51 1.33 36.20 -9.48
CA GLY A 51 2.36 37.22 -9.50
C GLY A 51 3.74 36.69 -9.14
N ILE A 52 3.78 35.75 -8.19
CA ILE A 52 4.99 35.00 -7.84
C ILE A 52 5.40 34.09 -9.01
N ALA A 53 4.40 33.56 -9.71
CA ALA A 53 4.58 32.69 -10.88
C ALA A 53 5.33 33.38 -12.02
N ALA A 54 5.57 34.68 -11.85
CA ALA A 54 6.29 35.46 -12.84
C ALA A 54 7.79 35.56 -12.56
N LYS A 55 8.19 35.32 -11.31
CA LYS A 55 9.56 35.63 -10.88
C LYS A 55 10.56 34.45 -10.73
N LEU A 56 10.05 33.22 -10.59
CA LEU A 56 10.93 32.05 -10.44
C LEU A 56 10.94 31.18 -11.72
N GLN A 57 11.00 31.83 -12.88
CA GLN A 57 10.17 31.49 -14.07
C GLN A 57 8.67 31.68 -13.74
N ILE A 58 7.85 30.65 -13.43
CA ILE A 58 8.03 29.21 -13.67
C ILE A 58 6.66 28.82 -14.20
N PRO A 59 6.54 27.69 -14.97
CA PRO A 59 5.21 27.17 -15.32
C PRO A 59 4.20 27.21 -14.15
N ILE A 60 2.95 27.60 -14.45
CA ILE A 60 1.87 27.76 -13.46
C ILE A 60 1.41 26.42 -12.89
N ILE A 61 1.15 25.48 -13.80
CA ILE A 61 0.68 24.12 -13.50
C ILE A 61 1.66 23.34 -12.61
N HIS A 62 2.85 23.90 -12.34
CA HIS A 62 3.80 23.22 -11.46
C HIS A 62 3.41 23.34 -9.99
N PHE A 63 2.76 24.45 -9.62
CA PHE A 63 2.24 24.60 -8.26
C PHE A 63 0.95 23.81 -8.05
N TYR A 64 0.05 23.84 -9.03
CA TYR A 64 -1.14 22.99 -9.03
C TYR A 64 -0.70 21.53 -8.99
N GLU A 65 0.27 21.18 -9.84
CA GLU A 65 0.92 19.88 -9.79
C GLU A 65 1.32 19.58 -8.35
N VAL A 66 2.13 20.46 -7.76
CA VAL A 66 2.51 20.36 -6.36
C VAL A 66 1.28 20.15 -5.46
N LEU A 67 0.28 21.02 -5.59
CA LEU A 67 -0.89 21.00 -4.74
C LEU A 67 -1.64 19.67 -4.84
N ILE A 68 -1.74 19.14 -6.07
CA ILE A 68 -2.49 17.91 -6.28
C ILE A 68 -1.85 16.67 -5.64
N TYR A 69 -0.54 16.52 -5.77
CA TYR A 69 0.20 15.46 -5.08
C TYR A 69 0.08 15.58 -3.54
N SER A 70 0.03 16.81 -3.04
CA SER A 70 0.04 17.04 -1.61
C SER A 70 -1.33 16.75 -1.03
N ASP A 71 -2.36 17.05 -1.81
CA ASP A 71 -3.73 16.73 -1.49
C ASP A 71 -3.99 15.21 -1.64
N ILE A 72 -3.49 14.57 -2.70
CA ILE A 72 -3.74 13.11 -2.77
C ILE A 72 -3.03 12.40 -1.63
N GLU A 73 -1.82 12.86 -1.30
CA GLU A 73 -1.08 12.28 -0.18
C GLU A 73 -1.76 12.58 1.17
N ARG A 74 -2.27 13.79 1.32
CA ARG A 74 -2.99 14.18 2.52
C ARG A 74 -4.13 13.17 2.73
N LYS A 75 -4.89 12.94 1.66
CA LYS A 75 -6.09 12.11 1.72
C LYS A 75 -5.75 10.64 1.88
N LYS A 76 -4.72 10.19 1.17
CA LYS A 76 -4.24 8.81 1.28
C LYS A 76 -3.78 8.56 2.70
N GLN A 77 -3.09 9.53 3.28
CA GLN A 77 -2.60 9.41 4.65
C GLN A 77 -3.77 9.30 5.66
N PHE A 78 -4.87 9.98 5.36
CA PHE A 78 -6.06 10.00 6.20
C PHE A 78 -6.80 8.64 6.10
N LYS A 79 -7.04 8.17 4.86
CA LYS A 79 -7.56 6.83 4.67
C LYS A 79 -6.65 5.85 5.44
N ASP A 80 -5.34 5.88 5.21
CA ASP A 80 -4.43 4.98 5.94
C ASP A 80 -4.69 5.07 7.47
N GLN A 81 -4.66 6.29 8.03
CA GLN A 81 -4.94 6.48 9.44
C GLN A 81 -6.30 5.89 9.86
N VAL A 82 -7.31 6.05 9.02
CA VAL A 82 -8.64 5.60 9.39
C VAL A 82 -8.70 4.07 9.36
N ILE A 83 -8.10 3.50 8.33
CA ILE A 83 -8.01 2.06 8.22
C ILE A 83 -7.27 1.49 9.44
N MET A 84 -6.36 2.29 9.96
CA MET A 84 -5.50 1.83 11.01
C MET A 84 -6.28 1.72 12.33
N LEU A 85 -7.27 2.57 12.52
CA LEU A 85 -8.02 2.55 13.76
C LEU A 85 -9.14 1.52 13.70
N CYS A 86 -9.61 1.28 12.48
CA CYS A 86 -10.59 0.23 12.26
C CYS A 86 -10.05 -1.06 12.72
N LYS A 87 -8.80 -1.33 12.36
CA LYS A 87 -8.14 -2.57 12.72
C LYS A 87 -7.99 -2.64 14.24
N GLN A 88 -7.79 -1.49 14.85
CA GLN A 88 -7.64 -1.39 16.31
C GLN A 88 -8.98 -1.23 17.00
N LYS A 89 -10.07 -1.26 16.22
CA LYS A 89 -11.41 -1.16 16.79
C LYS A 89 -11.64 0.21 17.48
N ARG A 90 -10.94 1.27 17.05
CA ARG A 90 -11.08 2.56 17.73
C ARG A 90 -12.13 3.47 17.11
N TYR A 91 -13.39 3.11 17.35
CA TYR A 91 -14.49 3.71 16.66
C TYR A 91 -14.91 5.06 17.19
N LYS A 92 -14.73 5.30 18.47
CA LYS A 92 -15.03 6.62 18.95
C LYS A 92 -14.09 7.58 18.24
N GLU A 93 -12.86 7.16 18.00
CA GLU A 93 -11.91 8.04 17.37
C GLU A 93 -12.22 8.17 15.90
N ILE A 94 -12.60 7.05 15.28
CA ILE A 94 -13.01 7.13 13.90
C ILE A 94 -14.16 8.12 13.76
N TYR A 95 -15.21 7.93 14.55
CA TYR A 95 -16.37 8.80 14.46
C TYR A 95 -15.96 10.26 14.51
N ASN A 96 -15.16 10.61 15.52
CA ASN A 96 -14.72 11.97 15.64
C ASN A 96 -13.91 12.42 14.44
N LYS A 97 -13.00 11.58 13.96
CA LYS A 97 -12.10 12.01 12.97
C LYS A 97 -12.91 12.28 11.68
N VAL A 98 -13.73 11.32 11.28
CA VAL A 98 -14.39 11.52 10.02
C VAL A 98 -15.43 12.65 10.08
N TRP A 99 -16.10 12.81 11.21
CA TRP A 99 -17.07 13.89 11.35
C TRP A 99 -16.39 15.27 11.15
N ASN A 100 -15.32 15.51 11.91
CA ASN A 100 -14.49 16.68 11.69
C ASN A 100 -14.06 16.81 10.25
N GLU A 101 -13.70 15.74 9.56
CA GLU A 101 -13.35 15.97 8.17
C GLU A 101 -14.58 16.39 7.31
N LEU A 102 -15.73 15.75 7.53
CA LEU A 102 -16.95 16.10 6.81
C LEU A 102 -17.39 17.52 7.12
N LYS A 103 -17.09 17.97 8.33
CA LYS A 103 -17.49 19.28 8.83
C LYS A 103 -16.95 20.38 7.92
N LYS A 104 -15.86 20.07 7.21
CA LYS A 104 -15.24 21.06 6.34
C LYS A 104 -16.07 21.23 5.09
N GLU A 105 -17.05 20.34 4.94
CA GLU A 105 -17.85 20.17 3.72
C GLU A 105 -17.19 20.54 2.39
N GLU A 106 -15.99 20.04 2.14
CA GLU A 106 -15.30 20.31 0.89
C GLU A 106 -15.68 19.34 -0.23
N TYR A 107 -15.72 19.85 -1.45
CA TYR A 107 -16.32 19.10 -2.52
C TYR A 107 -15.36 18.13 -3.18
N HIS A 108 -15.59 16.83 -2.89
CA HIS A 108 -14.79 15.74 -3.46
C HIS A 108 -15.52 14.41 -3.33
N PRO A 109 -16.49 14.15 -4.24
CA PRO A 109 -17.49 13.09 -4.06
C PRO A 109 -16.96 11.74 -3.57
N GLU A 110 -15.90 11.23 -4.19
CA GLU A 110 -15.32 9.96 -3.76
C GLU A 110 -14.75 9.97 -2.32
N PHE A 111 -14.00 11.01 -1.99
CA PHE A 111 -13.48 11.09 -0.66
C PHE A 111 -14.61 11.32 0.35
N GLN A 112 -15.62 12.12 0.00
CA GLN A 112 -16.78 12.23 0.89
C GLN A 112 -17.47 10.86 1.06
N GLN A 113 -17.52 10.07 0.00
CA GLN A 113 -18.11 8.75 0.19
C GLN A 113 -17.32 7.91 1.19
N PHE A 114 -16.02 7.86 1.03
CA PHE A 114 -15.19 7.23 2.01
C PHE A 114 -15.59 7.73 3.43
N LEU A 115 -15.80 9.05 3.58
CA LEU A 115 -15.94 9.55 4.98
C LEU A 115 -17.25 9.08 5.56
N GLN A 116 -18.27 9.09 4.71
CA GLN A 116 -19.62 8.74 5.12
C GLN A 116 -19.73 7.27 5.41
N TRP A 117 -19.11 6.47 4.57
CA TRP A 117 -19.03 5.03 4.86
C TRP A 117 -18.50 4.85 6.28
N GLN A 118 -17.31 5.40 6.59
CA GLN A 118 -16.76 5.31 7.92
C GLN A 118 -17.63 5.95 9.00
N TYR A 119 -18.25 7.08 8.70
CA TYR A 119 -19.15 7.68 9.68
C TYR A 119 -20.33 6.76 10.04
N TYR A 120 -21.08 6.33 9.03
CA TYR A 120 -22.21 5.42 9.32
C TYR A 120 -21.77 4.10 9.97
N VAL A 121 -20.67 3.51 9.55
CA VAL A 121 -20.30 2.30 10.27
C VAL A 121 -19.94 2.57 11.72
N ALA A 122 -19.17 3.61 11.99
CA ALA A 122 -18.79 3.96 13.35
C ALA A 122 -20.05 4.25 14.15
N ALA A 123 -20.96 5.06 13.62
CA ALA A 123 -22.25 5.29 14.31
C ALA A 123 -22.85 3.96 14.75
N TYR A 124 -22.82 3.01 13.82
CA TYR A 124 -23.43 1.70 14.06
C TYR A 124 -22.76 1.01 15.25
N VAL A 125 -21.44 0.86 15.19
CA VAL A 125 -20.67 0.25 16.26
C VAL A 125 -20.88 0.98 17.59
N LEU A 126 -20.95 2.30 17.55
CA LEU A 126 -21.13 3.13 18.76
C LEU A 126 -22.56 3.17 19.30
N LYS A 127 -23.49 2.63 18.53
CA LYS A 127 -24.86 2.45 19.04
C LYS A 127 -25.71 3.69 18.82
N LYS A 128 -25.23 4.58 17.98
CA LYS A 128 -25.97 5.80 17.67
C LYS A 128 -27.12 5.51 16.72
N VAL A 129 -26.96 4.39 16.02
CA VAL A 129 -27.83 4.08 14.91
C VAL A 129 -28.17 2.56 14.84
N ASP A 130 -29.41 2.21 14.50
CA ASP A 130 -29.94 0.84 14.22
C ASP A 130 -29.14 0.17 13.09
N TYR A 131 -29.21 -1.14 12.99
CA TYR A 131 -28.67 -1.76 11.82
C TYR A 131 -29.45 -1.45 10.56
N GLU A 132 -30.78 -1.54 10.63
CA GLU A 132 -31.61 -1.17 9.51
C GLU A 132 -31.24 0.21 9.05
N TYR A 133 -31.07 1.17 9.95
CA TYR A 133 -30.74 2.55 9.50
C TYR A 133 -29.34 2.64 8.88
N CYS A 134 -28.38 1.99 9.48
CA CYS A 134 -27.05 2.04 8.97
C CYS A 134 -27.02 1.50 7.53
N ILE A 135 -27.66 0.35 7.29
CA ILE A 135 -27.71 -0.23 5.95
C ILE A 135 -28.31 0.70 4.89
N LEU A 136 -29.43 1.33 5.24
CA LEU A 136 -30.05 2.27 4.35
C LEU A 136 -28.99 3.27 3.92
N GLU A 137 -28.30 3.83 4.91
CA GLU A 137 -27.45 4.96 4.64
C GLU A 137 -26.36 4.47 3.75
N LEU A 138 -25.86 3.28 4.08
CA LEU A 138 -24.83 2.70 3.25
C LEU A 138 -25.28 2.44 1.82
N LYS A 139 -26.55 2.11 1.59
CA LYS A 139 -26.98 1.85 0.24
C LYS A 139 -27.10 3.18 -0.56
N LYS A 140 -27.33 4.29 0.12
CA LYS A 140 -27.49 5.53 -0.62
C LYS A 140 -26.12 5.80 -1.22
N LEU A 141 -25.07 5.39 -0.53
CA LEU A 141 -23.73 5.46 -1.08
C LEU A 141 -23.54 4.60 -2.35
N LEU A 142 -23.79 3.30 -2.29
CA LEU A 142 -23.68 2.53 -3.52
C LEU A 142 -24.40 3.28 -4.64
N ASN A 143 -25.69 3.61 -4.49
CA ASN A 143 -26.44 4.21 -5.62
C ASN A 143 -26.25 5.71 -5.95
N GLN A 144 -25.25 6.34 -5.35
CA GLN A 144 -24.58 7.49 -6.00
C GLN A 144 -23.98 6.95 -7.28
N GLN A 145 -23.64 5.65 -7.25
CA GLN A 145 -22.91 4.90 -8.28
C GLN A 145 -21.77 5.69 -8.90
N LEU A 146 -20.85 6.11 -8.03
CA LEU A 146 -19.65 6.79 -8.43
C LEU A 146 -18.61 5.73 -8.76
N THR A 147 -17.53 6.16 -9.38
CA THR A 147 -16.33 5.35 -9.33
C THR A 147 -15.14 6.21 -9.74
N GLY A 148 -14.45 6.69 -8.71
CA GLY A 148 -13.20 7.38 -8.94
C GLY A 148 -12.04 6.42 -8.87
N ILE A 149 -10.86 7.01 -8.62
CA ILE A 149 -9.60 6.31 -8.41
C ILE A 149 -9.79 4.97 -7.66
N ASP A 150 -10.73 4.90 -6.73
CA ASP A 150 -10.92 3.65 -6.00
C ASP A 150 -12.12 2.80 -6.44
N VAL A 151 -11.84 1.90 -7.37
CA VAL A 151 -12.77 0.87 -7.84
C VAL A 151 -13.27 -0.06 -6.72
N TYR A 152 -12.54 -0.19 -5.62
CA TYR A 152 -12.92 -1.12 -4.57
C TYR A 152 -13.91 -0.55 -3.56
N GLN A 153 -13.99 0.77 -3.55
CA GLN A 153 -14.75 1.47 -2.51
C GLN A 153 -16.23 1.00 -2.38
N ASN A 154 -16.95 0.81 -3.49
CA ASN A 154 -18.31 0.28 -3.41
C ASN A 154 -18.30 -1.12 -2.79
N LEU A 155 -17.32 -1.93 -3.19
CA LEU A 155 -17.25 -3.28 -2.72
C LEU A 155 -16.98 -3.21 -1.21
N TYR A 156 -16.11 -2.30 -0.77
CA TYR A 156 -15.89 -2.16 0.67
C TYR A 156 -17.23 -1.83 1.33
N ILE A 157 -17.97 -0.88 0.73
CA ILE A 157 -19.23 -0.52 1.30
C ILE A 157 -20.20 -1.72 1.26
N GLU A 158 -20.03 -2.59 0.25
CA GLU A 158 -20.87 -3.74 0.19
C GLU A 158 -20.49 -4.74 1.26
N ASN A 159 -19.21 -4.78 1.60
CA ASN A 159 -18.79 -5.75 2.58
C ASN A 159 -19.38 -5.41 3.94
N ALA A 160 -19.46 -4.12 4.22
CA ALA A 160 -20.01 -3.67 5.47
C ALA A 160 -21.48 -4.04 5.49
N ILE A 161 -22.19 -3.73 4.40
CA ILE A 161 -23.64 -4.04 4.36
C ILE A 161 -23.85 -5.53 4.65
N ALA A 162 -23.10 -6.42 4.01
CA ALA A 162 -23.28 -7.84 4.24
C ALA A 162 -22.94 -8.26 5.67
N ASN A 163 -21.90 -7.68 6.28
CA ASN A 163 -21.56 -8.03 7.67
C ASN A 163 -22.67 -7.65 8.64
N ILE A 164 -23.20 -6.43 8.48
CA ILE A 164 -24.27 -6.02 9.36
C ILE A 164 -25.46 -6.94 9.22
N TYR A 165 -25.77 -7.37 8.00
CA TYR A 165 -26.91 -8.27 7.81
C TYR A 165 -26.56 -9.58 8.53
N ALA A 166 -25.47 -10.21 8.10
CA ALA A 166 -25.08 -11.49 8.68
C ALA A 166 -25.05 -11.49 10.21
N GLU A 167 -24.36 -10.55 10.81
CA GLU A 167 -24.28 -10.55 12.26
C GLU A 167 -25.60 -10.23 12.95
N ASN A 168 -26.56 -9.64 12.23
CA ASN A 168 -27.88 -9.36 12.82
C ASN A 168 -28.90 -10.43 12.49
N GLY A 169 -28.43 -11.64 12.12
CA GLY A 169 -29.32 -12.77 11.78
C GLY A 169 -29.67 -13.03 10.30
N TYR A 170 -29.47 -12.03 9.43
CA TYR A 170 -29.86 -12.19 8.03
C TYR A 170 -28.79 -12.88 7.19
N LEU A 171 -28.59 -14.16 7.51
CA LEU A 171 -27.50 -14.92 6.95
C LEU A 171 -27.65 -15.14 5.45
N LYS A 172 -28.85 -15.41 4.97
CA LYS A 172 -29.01 -15.61 3.54
C LYS A 172 -28.79 -14.32 2.75
N LYS A 173 -29.21 -13.17 3.28
CA LYS A 173 -29.00 -11.91 2.58
C LYS A 173 -27.51 -11.62 2.57
N GLY A 174 -26.87 -11.79 3.72
CA GLY A 174 -25.45 -11.53 3.82
C GLY A 174 -24.62 -12.40 2.89
N ILE A 175 -24.93 -13.69 2.89
CA ILE A 175 -24.32 -14.61 1.93
C ILE A 175 -24.52 -14.17 0.50
N ASP A 176 -25.73 -13.85 0.07
CA ASP A 176 -25.95 -13.51 -1.32
C ASP A 176 -25.05 -12.35 -1.65
N LEU A 177 -25.07 -11.35 -0.79
CA LEU A 177 -24.18 -10.22 -0.89
C LEU A 177 -22.68 -10.58 -1.01
N PHE A 178 -22.17 -11.37 -0.07
CA PHE A 178 -20.77 -11.82 -0.17
C PHE A 178 -20.53 -12.47 -1.51
N GLU A 179 -21.48 -13.27 -1.98
CA GLU A 179 -21.39 -13.82 -3.31
C GLU A 179 -21.31 -12.73 -4.36
N GLN A 180 -22.18 -11.72 -4.33
CA GLN A 180 -22.01 -10.60 -5.29
C GLN A 180 -20.59 -10.02 -5.34
N ILE A 181 -19.99 -9.83 -4.16
CA ILE A 181 -18.70 -9.17 -4.01
C ILE A 181 -17.58 -10.00 -4.63
N LEU A 182 -17.51 -11.25 -4.20
CA LEU A 182 -16.55 -12.20 -4.80
C LEU A 182 -16.67 -12.26 -6.29
N LYS A 183 -17.88 -12.15 -6.78
CA LYS A 183 -18.10 -12.17 -8.21
C LYS A 183 -17.50 -10.91 -8.84
N GLN A 184 -17.63 -9.76 -8.19
CA GLN A 184 -17.06 -8.53 -8.75
C GLN A 184 -15.54 -8.49 -8.60
N LEU A 185 -15.02 -9.18 -7.59
CA LEU A 185 -13.55 -9.29 -7.42
C LEU A 185 -12.91 -10.18 -8.45
N GLU A 186 -13.58 -11.28 -8.84
CA GLU A 186 -12.95 -12.20 -9.80
C GLU A 186 -12.62 -11.37 -11.02
N ALA A 187 -13.50 -10.40 -11.27
CA ALA A 187 -13.45 -9.52 -12.43
C ALA A 187 -12.39 -8.45 -12.31
N LEU A 188 -12.33 -7.81 -11.15
CA LEU A 188 -11.41 -6.71 -10.97
C LEU A 188 -10.03 -7.25 -10.67
N HIS A 189 -9.24 -6.42 -9.98
CA HIS A 189 -8.01 -6.85 -9.29
C HIS A 189 -6.72 -6.06 -9.60
N ASP A 190 -5.76 -6.12 -8.66
CA ASP A 190 -5.86 -6.93 -7.45
C ASP A 190 -5.68 -6.16 -6.16
N ASN A 191 -6.29 -6.68 -5.10
CA ASN A 191 -6.25 -6.12 -3.76
C ASN A 191 -6.64 -7.28 -2.86
N GLU A 192 -5.70 -8.17 -2.63
CA GLU A 192 -6.10 -9.45 -2.14
C GLU A 192 -6.36 -9.50 -0.64
N GLU A 193 -5.96 -8.48 0.12
CA GLU A 193 -6.25 -8.50 1.54
C GLU A 193 -7.72 -8.43 1.77
N PHE A 194 -8.38 -7.57 1.02
CA PHE A 194 -9.82 -7.49 1.00
C PHE A 194 -10.44 -8.80 0.54
N ASP A 195 -9.88 -9.38 -0.52
CA ASP A 195 -10.35 -10.68 -1.03
C ASP A 195 -10.42 -11.64 0.10
N VAL A 196 -9.37 -11.69 0.90
CA VAL A 196 -9.29 -12.58 2.05
C VAL A 196 -10.37 -12.19 3.06
N LYS A 197 -10.57 -10.91 3.25
CA LYS A 197 -11.48 -10.48 4.30
C LYS A 197 -12.92 -10.84 3.94
N VAL A 198 -13.34 -10.63 2.69
CA VAL A 198 -14.69 -11.02 2.37
C VAL A 198 -14.86 -12.53 2.44
N ARG A 199 -13.86 -13.26 2.00
CA ARG A 199 -13.97 -14.71 2.11
C ARG A 199 -14.04 -15.11 3.55
N TYR A 200 -13.36 -14.42 4.44
CA TYR A 200 -13.46 -14.83 5.82
C TYR A 200 -14.90 -14.63 6.32
N ASN A 201 -15.57 -13.53 5.97
CA ASN A 201 -16.89 -13.27 6.53
C ASN A 201 -17.91 -14.19 5.90
N HIS A 202 -17.69 -14.46 4.62
CA HIS A 202 -18.54 -15.33 3.87
C HIS A 202 -18.53 -16.69 4.56
N ALA A 203 -17.34 -17.18 4.89
CA ALA A 203 -17.20 -18.46 5.59
C ALA A 203 -17.89 -18.44 6.93
N LYS A 204 -17.77 -17.35 7.66
CA LYS A 204 -18.51 -17.27 8.92
C LYS A 204 -20.00 -17.41 8.68
N ALA A 205 -20.52 -16.68 7.70
CA ALA A 205 -21.94 -16.67 7.52
C ALA A 205 -22.37 -18.07 7.01
N LEU A 206 -21.54 -18.66 6.15
CA LEU A 206 -21.83 -20.00 5.69
C LEU A 206 -21.87 -20.96 6.86
N TYR A 207 -20.92 -20.80 7.78
CA TYR A 207 -20.88 -21.63 8.98
C TYR A 207 -22.12 -21.47 9.82
N LEU A 208 -22.56 -20.24 10.05
CA LEU A 208 -23.77 -20.11 10.85
C LEU A 208 -25.03 -20.59 10.14
N ASP A 209 -24.98 -20.78 8.81
CA ASP A 209 -26.13 -21.32 8.03
C ASP A 209 -25.98 -22.85 7.86
N SER A 210 -24.99 -23.43 8.55
CA SER A 210 -24.73 -24.88 8.61
C SER A 210 -24.25 -25.45 7.29
N ARG A 211 -23.69 -24.58 6.44
CA ARG A 211 -23.11 -24.99 5.16
C ARG A 211 -21.63 -25.22 5.39
N TYR A 212 -21.33 -26.29 6.11
CA TYR A 212 -19.99 -26.45 6.61
C TYR A 212 -18.92 -26.67 5.54
N GLU A 213 -19.13 -27.58 4.59
CA GLU A 213 -18.20 -27.72 3.47
C GLU A 213 -17.97 -26.38 2.75
N GLU A 214 -19.06 -25.71 2.41
CA GLU A 214 -18.99 -24.47 1.71
C GLU A 214 -18.10 -23.55 2.55
N SER A 215 -18.39 -23.45 3.84
CA SER A 215 -17.61 -22.63 4.71
C SER A 215 -16.17 -23.06 4.62
N LEU A 216 -15.92 -24.35 4.83
CA LEU A 216 -14.53 -24.82 4.80
C LEU A 216 -13.82 -24.55 3.46
N TYR A 217 -14.54 -24.65 2.36
CA TYR A 217 -13.96 -24.39 1.07
C TYR A 217 -13.44 -22.98 1.00
N GLN A 218 -14.29 -22.06 1.41
CA GLN A 218 -14.02 -20.66 1.40
C GLN A 218 -12.83 -20.35 2.34
N VAL A 219 -12.76 -21.05 3.46
CA VAL A 219 -11.71 -20.77 4.43
C VAL A 219 -10.34 -21.24 3.91
N ASN A 220 -10.30 -22.45 3.36
CA ASN A 220 -9.08 -22.92 2.68
C ASN A 220 -8.62 -21.94 1.60
N LYS A 221 -9.58 -21.39 0.86
CA LYS A 221 -9.22 -20.54 -0.23
C LYS A 221 -8.63 -19.26 0.30
N ALA A 222 -9.17 -18.81 1.43
CA ALA A 222 -8.70 -17.55 2.01
C ALA A 222 -7.30 -17.69 2.59
N ILE A 223 -7.04 -18.86 3.17
CA ILE A 223 -5.72 -19.22 3.69
C ILE A 223 -4.77 -19.23 2.52
N GLU A 224 -5.16 -19.90 1.45
CA GLU A 224 -4.32 -19.98 0.29
C GLU A 224 -3.96 -18.59 -0.18
N ILE A 225 -4.88 -17.64 -0.11
CA ILE A 225 -4.59 -16.30 -0.64
C ILE A 225 -3.72 -15.53 0.32
N SER A 226 -4.03 -15.66 1.62
CA SER A 226 -3.23 -15.11 2.68
C SER A 226 -1.78 -15.51 2.55
N CYS A 227 -1.52 -16.73 2.08
CA CYS A 227 -0.14 -17.16 1.94
C CYS A 227 0.48 -16.58 0.67
N ARG A 228 -0.31 -16.31 -0.34
CA ARG A 228 0.33 -15.92 -1.59
C ARG A 228 0.69 -14.41 -1.55
N ILE A 229 -0.05 -13.61 -0.77
CA ILE A 229 0.24 -12.18 -0.64
C ILE A 229 1.06 -11.92 0.62
N ASN A 230 1.40 -12.99 1.33
CA ASN A 230 2.24 -12.92 2.52
C ASN A 230 1.62 -12.28 3.76
N SER A 231 0.32 -12.47 3.95
CA SER A 231 -0.31 -11.75 5.04
C SER A 231 -0.85 -12.54 6.18
N MET A 232 -0.48 -12.15 7.39
CA MET A 232 -0.96 -12.83 8.57
C MET A 232 -2.17 -12.11 9.14
N ALA A 233 -2.75 -11.15 8.43
CA ALA A 233 -3.81 -10.31 9.01
C ALA A 233 -5.01 -11.08 9.62
N LEU A 234 -5.46 -12.12 8.92
CA LEU A 234 -6.62 -12.89 9.40
C LEU A 234 -6.34 -14.37 9.45
N ILE A 235 -5.11 -14.78 9.23
CA ILE A 235 -4.80 -16.20 9.07
C ILE A 235 -5.04 -17.05 10.33
N GLY A 236 -4.80 -16.48 11.49
CA GLY A 236 -4.96 -17.24 12.72
C GLY A 236 -6.42 -17.54 12.90
N GLN A 237 -7.25 -16.56 12.57
CA GLN A 237 -8.66 -16.78 12.69
C GLN A 237 -9.19 -17.58 11.52
N LEU A 238 -8.44 -17.69 10.43
CA LEU A 238 -8.78 -18.62 9.39
C LEU A 238 -8.50 -20.04 9.89
N TYR A 239 -7.36 -20.27 10.53
CA TYR A 239 -7.17 -21.60 11.06
C TYR A 239 -8.22 -21.95 12.14
N TYR A 240 -8.66 -20.95 12.90
CA TYR A 240 -9.69 -21.21 13.92
C TYR A 240 -10.92 -21.70 13.22
N GLN A 241 -11.29 -20.97 12.18
CA GLN A 241 -12.49 -21.31 11.47
C GLN A 241 -12.40 -22.68 10.75
N ARG A 242 -11.26 -22.93 10.14
CA ARG A 242 -11.00 -24.26 9.58
C ARG A 242 -11.23 -25.33 10.65
N GLY A 243 -10.75 -25.10 11.86
CA GLY A 243 -10.90 -26.10 12.92
C GLY A 243 -12.36 -26.37 13.16
N GLU A 244 -13.13 -25.29 13.28
CA GLU A 244 -14.53 -25.43 13.64
C GLU A 244 -15.28 -26.22 12.58
N CYS A 245 -14.91 -26.02 11.31
CA CYS A 245 -15.56 -26.69 10.18
C CYS A 245 -15.22 -28.12 10.18
N LEU A 246 -13.93 -28.44 10.28
CA LEU A 246 -13.53 -29.83 10.36
C LEU A 246 -14.11 -30.59 11.58
N ARG A 247 -14.53 -29.86 12.62
CA ARG A 247 -15.14 -30.52 13.75
C ARG A 247 -16.63 -30.79 13.54
N LYS A 248 -17.34 -29.86 12.89
CA LYS A 248 -18.75 -30.11 12.58
C LYS A 248 -18.91 -31.14 11.45
N LEU A 249 -17.85 -31.37 10.70
CA LEU A 249 -17.85 -32.34 9.60
C LEU A 249 -17.13 -33.61 10.06
N GLU A 250 -16.62 -33.55 11.29
CA GLU A 250 -16.11 -34.69 12.02
C GLU A 250 -14.94 -35.38 11.31
N TYR A 251 -13.96 -34.57 10.88
CA TYR A 251 -12.69 -35.08 10.33
C TYR A 251 -11.90 -35.70 11.48
N GLU A 252 -10.80 -36.40 11.17
CA GLU A 252 -9.99 -37.00 12.24
C GLU A 252 -9.56 -35.93 13.26
N GLU A 253 -9.68 -36.28 14.54
CA GLU A 253 -9.28 -35.40 15.63
C GLU A 253 -7.95 -34.76 15.34
N ALA A 254 -7.06 -35.54 14.73
CA ALA A 254 -5.72 -35.10 14.37
C ALA A 254 -5.78 -33.83 13.52
N GLU A 255 -6.41 -33.91 12.34
CA GLU A 255 -6.46 -32.76 11.46
C GLU A 255 -7.17 -31.55 12.11
N ILE A 256 -8.09 -31.85 13.04
CA ILE A 256 -8.88 -30.83 13.74
C ILE A 256 -8.01 -30.07 14.72
N GLU A 257 -7.30 -30.84 15.55
CA GLU A 257 -6.47 -30.27 16.61
C GLU A 257 -5.32 -29.58 15.92
N ASP A 258 -4.87 -30.14 14.81
CA ASP A 258 -3.81 -29.53 14.00
C ASP A 258 -4.09 -28.08 13.62
N ALA A 259 -5.15 -27.87 12.84
CA ALA A 259 -5.67 -26.54 12.50
C ALA A 259 -5.76 -25.62 13.71
N TYR A 260 -6.04 -26.18 14.90
CA TYR A 260 -6.23 -25.38 16.12
C TYR A 260 -4.89 -24.92 16.73
N LYS A 261 -3.92 -25.82 16.86
CA LYS A 261 -2.56 -25.39 17.25
C LYS A 261 -2.06 -24.23 16.34
N LYS A 262 -2.37 -24.32 15.05
CA LYS A 262 -1.93 -23.31 14.11
C LYS A 262 -2.60 -22.01 14.41
N ALA A 263 -3.91 -22.00 14.47
CA ALA A 263 -4.56 -20.84 15.01
C ALA A 263 -3.87 -20.35 16.28
N SER A 264 -3.55 -21.27 17.17
CA SER A 264 -2.98 -20.89 18.45
C SER A 264 -1.62 -20.22 18.21
N PHE A 265 -0.79 -20.85 17.41
CA PHE A 265 0.48 -20.25 17.05
C PHE A 265 0.33 -18.79 16.60
N PHE A 266 -0.61 -18.52 15.69
CA PHE A 266 -0.74 -17.15 15.21
C PHE A 266 -1.23 -16.24 16.30
N PHE A 267 -2.05 -16.77 17.20
CA PHE A 267 -2.58 -15.91 18.23
C PHE A 267 -1.49 -15.38 19.14
N ASP A 268 -0.63 -16.28 19.62
CA ASP A 268 0.54 -15.91 20.44
C ASP A 268 1.53 -15.03 19.68
N ILE A 269 1.98 -15.52 18.53
CA ILE A 269 2.86 -14.76 17.60
C ILE A 269 2.30 -13.35 17.42
N LEU A 270 1.00 -13.24 17.20
CA LEU A 270 0.36 -11.95 17.00
C LEU A 270 -0.09 -11.23 18.26
N GLU A 271 0.21 -11.82 19.42
CA GLU A 271 -0.22 -11.23 20.69
C GLU A 271 -1.70 -10.78 20.63
N MET A 272 -2.52 -11.71 20.16
CA MET A 272 -3.95 -11.51 19.98
C MET A 272 -4.66 -12.19 21.13
N HIS A 273 -4.64 -11.51 22.28
CA HIS A 273 -5.00 -12.08 23.58
C HIS A 273 -6.49 -12.35 23.72
N ALA A 274 -7.32 -11.48 23.14
CA ALA A 274 -8.77 -11.73 23.07
C ALA A 274 -9.02 -13.03 22.31
N TYR A 275 -8.56 -13.11 21.06
CA TYR A 275 -8.74 -14.30 20.24
C TYR A 275 -8.10 -15.53 20.86
N LYS A 276 -7.01 -15.32 21.59
CA LYS A 276 -6.31 -16.45 22.21
C LYS A 276 -7.17 -17.07 23.31
N GLU A 277 -7.83 -16.21 24.09
CA GLU A 277 -8.66 -16.62 25.22
C GLU A 277 -9.71 -17.68 24.84
N ALA A 278 -10.66 -17.29 23.98
CA ALA A 278 -11.69 -18.20 23.49
C ALA A 278 -11.10 -19.56 23.13
N LEU A 279 -10.02 -19.57 22.37
CA LEU A 279 -9.42 -20.81 21.87
C LEU A 279 -9.08 -21.83 22.96
N VAL A 280 -8.45 -21.36 24.04
CA VAL A 280 -8.04 -22.27 25.11
C VAL A 280 -9.29 -22.76 25.86
N ASN A 281 -10.35 -21.96 25.82
CA ASN A 281 -11.66 -22.38 26.32
C ASN A 281 -12.16 -23.63 25.61
N LYS A 282 -12.26 -23.55 24.29
CA LYS A 282 -12.96 -24.55 23.49
C LYS A 282 -12.35 -25.94 23.55
N ILE A 283 -11.03 -25.99 23.44
CA ILE A 283 -10.30 -27.25 23.34
C ILE A 283 -10.59 -28.20 24.50
N SER A 284 -10.87 -27.63 25.66
CA SER A 284 -11.35 -28.41 26.79
C SER A 284 -12.88 -28.56 26.71
N ARG A 285 -13.57 -27.45 26.47
CA ARG A 285 -15.03 -27.40 26.51
C ARG A 285 -15.73 -28.34 25.55
N LEU A 286 -15.55 -28.13 24.25
CA LEU A 286 -16.26 -28.91 23.23
C LEU A 286 -15.85 -30.39 23.19
N ALA B 3 -3.61 6.95 -20.51
CA ALA B 3 -3.98 7.85 -21.65
C ALA B 3 -5.47 8.18 -21.66
N GLU B 4 -6.27 7.15 -21.36
CA GLU B 4 -7.70 7.11 -21.69
C GLU B 4 -8.63 7.68 -20.61
N LYS B 5 -8.07 8.33 -19.59
CA LYS B 5 -8.86 8.96 -18.54
C LYS B 5 -9.38 10.32 -18.96
N LEU B 6 -8.50 11.18 -19.46
CA LEU B 6 -8.90 12.46 -20.04
C LEU B 6 -10.13 12.27 -20.95
N GLY B 7 -10.08 11.25 -21.79
CA GLY B 7 -11.18 10.89 -22.67
C GLY B 7 -12.48 10.49 -21.98
N SER B 8 -12.43 9.41 -21.19
CA SER B 8 -13.64 8.84 -20.59
C SER B 8 -14.24 9.72 -19.49
N GLU B 9 -13.48 10.73 -19.05
CA GLU B 9 -14.04 11.80 -18.21
C GLU B 9 -14.75 12.85 -19.07
N ILE B 10 -14.24 13.09 -20.27
CA ILE B 10 -14.90 13.96 -21.24
C ILE B 10 -16.27 13.35 -21.63
N LYS B 11 -16.36 12.02 -21.58
CA LYS B 11 -17.62 11.32 -21.84
C LYS B 11 -18.65 11.47 -20.71
N LYS B 12 -18.30 10.98 -19.51
CA LYS B 12 -19.20 11.05 -18.35
C LYS B 12 -19.90 12.41 -18.20
N ILE B 13 -19.16 13.49 -18.47
CA ILE B 13 -19.64 14.87 -18.32
C ILE B 13 -20.56 15.31 -19.47
N ARG B 14 -20.10 15.11 -20.71
CA ARG B 14 -20.91 15.40 -21.88
C ARG B 14 -22.27 14.69 -21.77
N VAL B 15 -22.27 13.43 -21.32
CA VAL B 15 -23.50 12.68 -21.06
C VAL B 15 -24.36 13.39 -20.03
N LEU B 16 -23.74 13.83 -18.94
CA LEU B 16 -24.45 14.51 -17.85
C LEU B 16 -24.35 16.04 -17.89
N ARG B 17 -24.40 16.60 -19.10
CA ARG B 17 -24.57 18.05 -19.29
C ARG B 17 -25.70 18.33 -20.28
N GLY B 18 -25.79 17.50 -21.31
CA GLY B 18 -26.87 17.56 -22.28
C GLY B 18 -26.57 18.36 -23.55
N LEU B 19 -25.39 18.14 -24.11
CA LEU B 19 -24.99 18.77 -25.39
C LEU B 19 -24.15 17.77 -26.17
N THR B 20 -24.70 17.29 -27.29
CA THR B 20 -24.18 16.13 -28.06
C THR B 20 -22.73 16.26 -28.52
N GLN B 21 -22.04 15.12 -28.74
CA GLN B 21 -20.63 15.12 -29.19
C GLN B 21 -20.53 15.70 -30.59
N LYS B 22 -21.65 15.61 -31.31
CA LYS B 22 -21.81 16.24 -32.61
C LYS B 22 -21.92 17.76 -32.41
N GLN B 23 -22.66 18.17 -31.38
CA GLN B 23 -22.71 19.57 -30.94
C GLN B 23 -21.36 20.01 -30.35
N LEU B 24 -20.55 19.03 -29.96
CA LEU B 24 -19.19 19.25 -29.49
C LEU B 24 -18.16 19.20 -30.63
N SER B 25 -18.63 18.99 -31.87
CA SER B 25 -17.80 19.08 -33.07
C SER B 25 -17.49 20.53 -33.42
N GLU B 26 -18.56 21.33 -33.54
CA GLU B 26 -18.46 22.71 -34.04
C GLU B 26 -17.73 23.64 -33.06
N ASN B 27 -16.43 23.42 -32.92
CA ASN B 27 -15.56 24.32 -32.18
C ASN B 27 -14.41 24.76 -33.07
N ILE B 28 -13.51 23.81 -33.35
CA ILE B 28 -12.29 24.02 -34.13
C ILE B 28 -11.76 22.69 -34.65
N CYS B 29 -12.46 21.60 -34.29
CA CYS B 29 -12.04 20.26 -34.67
C CYS B 29 -13.14 19.53 -35.45
N HIS B 30 -12.75 18.50 -36.22
CA HIS B 30 -13.73 17.67 -36.90
C HIS B 30 -14.42 16.72 -35.91
N GLN B 31 -15.59 16.19 -36.29
CA GLN B 31 -16.40 15.31 -35.42
C GLN B 31 -15.68 14.06 -34.94
N SER B 32 -15.03 13.36 -35.87
CA SER B 32 -14.27 12.14 -35.56
C SER B 32 -13.19 12.34 -34.50
N GLU B 33 -12.51 13.49 -34.55
CA GLU B 33 -11.46 13.85 -33.58
C GLU B 33 -11.95 13.75 -32.14
N VAL B 34 -13.20 14.17 -31.92
CA VAL B 34 -13.85 14.12 -30.61
C VAL B 34 -14.07 12.69 -30.11
N SER B 35 -14.32 11.78 -31.06
CA SER B 35 -14.57 10.37 -30.75
C SER B 35 -13.28 9.64 -30.34
N ARG B 36 -12.20 9.89 -31.07
CA ARG B 36 -10.87 9.38 -30.74
C ARG B 36 -10.41 9.92 -29.39
N ILE B 37 -10.56 11.23 -29.19
CA ILE B 37 -10.29 11.87 -27.90
C ILE B 37 -11.14 11.27 -26.79
N GLU B 38 -12.42 11.04 -27.08
CA GLU B 38 -13.38 10.55 -26.09
C GLU B 38 -13.03 9.15 -25.57
N SER B 39 -12.39 8.35 -26.43
CA SER B 39 -11.92 7.02 -26.03
C SER B 39 -10.62 7.09 -25.22
N GLY B 40 -9.74 8.01 -25.61
CA GLY B 40 -8.38 8.06 -25.08
C GLY B 40 -7.38 7.48 -26.07
N ALA B 41 -7.85 7.19 -27.29
CA ALA B 41 -7.00 6.82 -28.41
C ALA B 41 -6.02 7.94 -28.74
N VAL B 42 -6.51 9.18 -28.68
CA VAL B 42 -5.65 10.35 -28.88
C VAL B 42 -5.64 11.21 -27.61
N TYR B 43 -4.52 11.89 -27.37
CA TYR B 43 -4.47 13.04 -26.47
C TYR B 43 -4.68 14.29 -27.34
N PRO B 44 -5.58 15.21 -26.93
CA PRO B 44 -5.70 16.50 -27.63
C PRO B 44 -4.45 17.36 -27.44
N SER B 45 -4.40 18.51 -28.13
CA SER B 45 -3.31 19.46 -27.91
C SER B 45 -3.75 20.50 -26.87
N MET B 46 -2.77 21.09 -26.18
CA MET B 46 -3.01 22.10 -25.14
C MET B 46 -4.20 23.00 -25.48
N ASP B 47 -4.03 23.80 -26.53
CA ASP B 47 -5.04 24.78 -26.95
C ASP B 47 -6.34 24.17 -27.47
N ILE B 48 -6.25 23.09 -28.24
CA ILE B 48 -7.45 22.47 -28.81
C ILE B 48 -8.45 22.04 -27.73
N LEU B 49 -7.94 21.44 -26.66
CA LEU B 49 -8.77 21.00 -25.52
C LEU B 49 -9.59 22.16 -24.91
N GLN B 50 -9.05 23.37 -24.95
CA GLN B 50 -9.78 24.57 -24.47
C GLN B 50 -11.16 24.67 -25.11
N GLY B 51 -11.28 24.19 -26.35
CA GLY B 51 -12.56 24.15 -27.07
C GLY B 51 -13.54 23.14 -26.50
N ILE B 52 -13.04 22.05 -25.94
CA ILE B 52 -13.89 21.07 -25.28
C ILE B 52 -14.22 21.57 -23.87
N ALA B 53 -13.30 22.34 -23.29
CA ALA B 53 -13.49 23.02 -22.00
C ALA B 53 -14.43 24.22 -22.11
N ALA B 54 -14.61 24.71 -23.33
CA ALA B 54 -15.58 25.76 -23.60
C ALA B 54 -16.99 25.26 -23.27
N LYS B 55 -17.44 24.23 -24.00
CA LYS B 55 -18.82 23.78 -23.89
C LYS B 55 -19.16 23.05 -22.57
N LEU B 56 -18.50 21.93 -22.31
CA LEU B 56 -18.80 21.07 -21.14
C LEU B 56 -19.22 21.81 -19.84
N GLN B 57 -18.45 22.83 -19.45
CA GLN B 57 -18.92 23.95 -18.62
C GLN B 57 -17.93 25.12 -18.41
N ILE B 58 -16.72 24.96 -17.85
CA ILE B 58 -16.19 23.91 -16.96
C ILE B 58 -14.81 24.41 -16.52
N PRO B 59 -14.44 24.25 -15.23
CA PRO B 59 -13.04 24.58 -14.87
C PRO B 59 -11.98 23.74 -15.63
N ILE B 60 -10.89 24.40 -16.04
CA ILE B 60 -9.78 23.78 -16.78
C ILE B 60 -8.92 22.88 -15.88
N ILE B 61 -8.63 23.38 -14.67
CA ILE B 61 -7.85 22.65 -13.66
C ILE B 61 -8.41 21.23 -13.45
N HIS B 62 -9.67 21.01 -13.86
CA HIS B 62 -10.35 19.73 -13.65
C HIS B 62 -9.79 18.62 -14.54
N PHE B 63 -9.76 18.85 -15.85
CA PHE B 63 -9.18 17.87 -16.76
C PHE B 63 -7.71 17.60 -16.43
N TYR B 64 -6.97 18.66 -16.15
CA TYR B 64 -5.58 18.55 -15.74
C TYR B 64 -5.45 17.74 -14.46
N GLU B 65 -6.30 18.05 -13.48
CA GLU B 65 -6.37 17.26 -12.26
C GLU B 65 -6.59 15.79 -12.60
N VAL B 66 -7.56 15.51 -13.47
CA VAL B 66 -7.83 14.16 -13.89
C VAL B 66 -6.56 13.55 -14.46
N LEU B 67 -5.94 14.27 -15.39
CA LEU B 67 -4.71 13.87 -16.06
C LEU B 67 -3.57 13.63 -15.06
N ILE B 68 -3.49 14.49 -14.04
CA ILE B 68 -2.50 14.38 -12.97
C ILE B 68 -2.73 13.19 -12.03
N TYR B 69 -3.99 12.91 -11.67
CA TYR B 69 -4.36 11.71 -10.93
C TYR B 69 -4.06 10.45 -11.76
N SER B 70 -4.14 10.59 -13.08
CA SER B 70 -4.01 9.46 -13.97
C SER B 70 -2.55 9.06 -14.08
N ASP B 71 -1.72 10.09 -14.17
CA ASP B 71 -0.29 9.96 -14.20
C ASP B 71 0.15 9.34 -12.89
N ILE B 72 -0.35 9.85 -11.77
CA ILE B 72 0.14 9.36 -10.49
C ILE B 72 -0.18 7.88 -10.30
N GLU B 73 -1.40 7.49 -10.64
CA GLU B 73 -1.76 6.08 -10.57
C GLU B 73 -0.99 5.26 -11.61
N ARG B 74 -0.71 5.86 -12.75
CA ARG B 74 0.04 5.17 -13.83
C ARG B 74 1.39 4.77 -13.28
N LYS B 75 2.01 5.72 -12.57
CA LYS B 75 3.36 5.55 -12.08
C LYS B 75 3.39 4.66 -10.85
N LYS B 76 2.36 4.74 -10.00
CA LYS B 76 2.26 3.83 -8.88
C LYS B 76 2.14 2.38 -9.36
N GLN B 77 1.21 2.16 -10.29
CA GLN B 77 1.06 0.86 -10.92
C GLN B 77 2.38 0.30 -11.44
N PHE B 78 3.15 1.15 -12.10
CA PHE B 78 4.44 0.74 -12.61
C PHE B 78 5.35 0.30 -11.43
N LYS B 79 5.39 1.11 -10.37
CA LYS B 79 6.30 0.82 -9.28
C LYS B 79 5.87 -0.48 -8.58
N ASP B 80 4.57 -0.65 -8.37
CA ASP B 80 4.01 -1.89 -7.87
C ASP B 80 4.43 -3.11 -8.72
N GLN B 81 4.27 -3.01 -10.05
CA GLN B 81 4.50 -4.14 -10.91
C GLN B 81 5.98 -4.49 -10.80
N VAL B 82 6.80 -3.47 -10.61
CA VAL B 82 8.23 -3.64 -10.63
C VAL B 82 8.66 -4.23 -9.31
N ILE B 83 7.99 -3.84 -8.24
CA ILE B 83 8.30 -4.48 -6.97
C ILE B 83 7.92 -5.96 -7.06
N MET B 84 6.82 -6.23 -7.73
CA MET B 84 6.35 -7.60 -7.77
C MET B 84 7.39 -8.49 -8.43
N LEU B 85 8.03 -7.97 -9.47
CA LEU B 85 9.02 -8.74 -10.19
C LEU B 85 10.29 -8.94 -9.36
N CYS B 86 10.63 -7.95 -8.55
CA CYS B 86 11.70 -8.12 -7.58
C CYS B 86 11.44 -9.26 -6.62
N LYS B 87 10.26 -9.30 -6.02
CA LYS B 87 9.92 -10.35 -5.09
C LYS B 87 10.03 -11.70 -5.80
N GLN B 88 9.48 -11.78 -7.01
CA GLN B 88 9.64 -12.95 -7.86
C GLN B 88 11.04 -13.13 -8.43
N LYS B 89 11.90 -12.13 -8.25
CA LYS B 89 13.27 -12.15 -8.77
C LYS B 89 13.37 -12.22 -10.30
N ARG B 90 12.47 -11.55 -11.02
CA ARG B 90 12.47 -11.57 -12.47
C ARG B 90 13.18 -10.38 -13.09
N TYR B 91 14.49 -10.43 -12.96
CA TYR B 91 15.35 -9.33 -13.30
C TYR B 91 15.54 -9.09 -14.80
N LYS B 92 15.63 -10.14 -15.61
CA LYS B 92 15.62 -9.88 -17.05
C LYS B 92 14.36 -9.05 -17.41
N GLU B 93 13.25 -9.32 -16.77
CA GLU B 93 12.03 -8.58 -17.05
C GLU B 93 12.07 -7.17 -16.50
N ILE B 94 12.60 -6.99 -15.30
CA ILE B 94 12.73 -5.67 -14.75
C ILE B 94 13.57 -4.80 -15.66
N TYR B 95 14.72 -5.33 -16.05
CA TYR B 95 15.66 -4.60 -16.88
C TYR B 95 15.01 -4.06 -18.17
N ASN B 96 14.34 -4.96 -18.88
CA ASN B 96 13.64 -4.56 -20.10
C ASN B 96 12.55 -3.52 -19.80
N LYS B 97 11.85 -3.69 -18.69
CA LYS B 97 10.74 -2.84 -18.43
C LYS B 97 11.28 -1.43 -18.14
N VAL B 98 12.24 -1.29 -17.21
CA VAL B 98 12.58 0.07 -16.87
C VAL B 98 13.40 0.74 -17.95
N TRP B 99 14.08 -0.06 -18.77
CA TRP B 99 14.81 0.46 -19.92
C TRP B 99 13.85 1.10 -20.91
N ASN B 100 12.80 0.36 -21.27
CA ASN B 100 11.74 0.84 -22.14
C ASN B 100 11.09 2.07 -21.54
N GLU B 101 10.96 2.13 -20.23
CA GLU B 101 10.35 3.32 -19.67
C GLU B 101 11.35 4.50 -19.65
N LEU B 102 12.63 4.24 -19.43
CA LEU B 102 13.60 5.32 -19.42
C LEU B 102 13.76 5.87 -20.81
N LYS B 103 13.52 5.06 -21.83
CA LYS B 103 14.02 5.49 -23.11
C LYS B 103 13.08 6.51 -23.72
N LYS B 104 12.04 6.88 -22.99
CA LYS B 104 11.17 7.92 -23.50
C LYS B 104 11.52 9.20 -22.81
N GLU B 105 12.51 9.10 -21.94
CA GLU B 105 13.13 10.25 -21.29
C GLU B 105 12.17 11.38 -20.93
N GLU B 106 11.12 11.03 -20.20
CA GLU B 106 10.13 11.99 -19.79
C GLU B 106 10.52 12.62 -18.46
N TYR B 107 10.52 13.94 -18.42
CA TYR B 107 11.13 14.65 -17.31
C TYR B 107 10.28 14.61 -16.03
N HIS B 108 10.77 13.83 -15.06
CA HIS B 108 10.16 13.64 -13.72
C HIS B 108 11.21 13.04 -12.78
N PRO B 109 12.09 13.90 -12.23
CA PRO B 109 13.39 13.53 -11.68
C PRO B 109 13.31 12.39 -10.68
N GLU B 110 12.26 12.37 -9.86
CA GLU B 110 12.07 11.30 -8.89
C GLU B 110 11.63 9.97 -9.49
N PHE B 111 10.76 9.99 -10.48
CA PHE B 111 10.41 8.75 -11.14
C PHE B 111 11.59 8.23 -11.90
N GLN B 112 12.29 9.15 -12.54
CA GLN B 112 13.46 8.75 -13.24
C GLN B 112 14.45 8.11 -12.28
N GLN B 113 14.47 8.55 -11.03
CA GLN B 113 15.43 7.97 -10.14
C GLN B 113 15.05 6.51 -9.78
N PHE B 114 13.81 6.31 -9.39
CA PHE B 114 13.30 4.97 -9.25
C PHE B 114 13.71 4.11 -10.45
N LEU B 115 13.55 4.60 -11.67
CA LEU B 115 13.82 3.72 -12.85
C LEU B 115 15.26 3.32 -12.89
N GLN B 116 16.12 4.33 -12.64
CA GLN B 116 17.57 4.12 -12.62
C GLN B 116 18.06 3.19 -11.53
N TRP B 117 17.50 3.31 -10.34
CA TRP B 117 17.81 2.38 -9.27
C TRP B 117 17.55 0.97 -9.80
N GLN B 118 16.29 0.69 -10.21
CA GLN B 118 16.01 -0.58 -10.77
C GLN B 118 16.89 -1.00 -11.94
N TYR B 119 17.18 -0.07 -12.84
CA TYR B 119 18.01 -0.40 -13.96
C TYR B 119 19.37 -0.85 -13.45
N TYR B 120 19.99 -0.08 -12.56
CA TYR B 120 21.32 -0.53 -12.10
C TYR B 120 21.33 -1.82 -11.32
N VAL B 121 20.33 -2.08 -10.46
CA VAL B 121 20.39 -3.33 -9.71
C VAL B 121 20.17 -4.50 -10.65
N ALA B 122 19.22 -4.37 -11.54
CA ALA B 122 18.96 -5.49 -12.44
C ALA B 122 20.20 -5.77 -13.29
N ALA B 123 20.86 -4.72 -13.79
CA ALA B 123 22.08 -4.92 -14.60
C ALA B 123 23.12 -5.74 -13.82
N TYR B 124 23.19 -5.43 -12.53
CA TYR B 124 24.15 -6.07 -11.63
C TYR B 124 23.85 -7.52 -11.50
N VAL B 125 22.61 -7.84 -11.19
CA VAL B 125 22.17 -9.22 -11.02
C VAL B 125 22.34 -10.03 -12.33
N LEU B 126 22.02 -9.42 -13.47
CA LEU B 126 22.21 -9.99 -14.80
C LEU B 126 23.67 -10.04 -15.29
N LYS B 127 24.60 -9.50 -14.53
CA LYS B 127 26.04 -9.70 -14.83
C LYS B 127 26.55 -8.74 -15.88
N LYS B 128 25.79 -7.66 -16.07
CA LYS B 128 26.09 -6.67 -17.08
C LYS B 128 27.11 -5.68 -16.57
N VAL B 129 27.10 -5.45 -15.26
CA VAL B 129 28.04 -4.57 -14.60
C VAL B 129 28.66 -5.21 -13.29
N ASP B 130 29.87 -4.77 -12.92
CA ASP B 130 30.63 -5.03 -11.65
C ASP B 130 29.82 -4.61 -10.46
N TYR B 131 30.17 -5.11 -9.28
CA TYR B 131 29.58 -4.54 -8.09
C TYR B 131 30.07 -3.12 -7.85
N GLU B 132 31.37 -2.90 -8.10
CA GLU B 132 31.96 -1.59 -7.95
C GLU B 132 31.24 -0.63 -8.87
N TYR B 133 30.96 -1.04 -10.10
CA TYR B 133 30.36 -0.05 -11.02
C TYR B 133 28.91 0.29 -10.63
N CYS B 134 28.20 -0.69 -10.11
CA CYS B 134 26.81 -0.53 -9.74
C CYS B 134 26.73 0.43 -8.54
N ILE B 135 27.53 0.15 -7.51
CA ILE B 135 27.59 1.05 -6.37
C ILE B 135 27.87 2.48 -6.86
N LEU B 136 28.87 2.65 -7.69
CA LEU B 136 29.18 3.99 -8.17
C LEU B 136 27.90 4.69 -8.73
N GLU B 137 27.15 3.97 -9.57
CA GLU B 137 25.95 4.54 -10.16
C GLU B 137 24.85 4.78 -9.12
N LEU B 138 24.63 3.86 -8.21
CA LEU B 138 23.68 4.12 -7.17
C LEU B 138 24.11 5.30 -6.26
N LYS B 139 25.39 5.38 -5.88
CA LYS B 139 25.77 6.59 -5.19
C LYS B 139 25.43 7.88 -5.99
N LYS B 140 25.50 7.86 -7.32
CA LYS B 140 25.14 9.09 -8.02
C LYS B 140 23.67 9.40 -7.80
N LEU B 141 22.80 8.41 -7.77
CA LEU B 141 21.42 8.72 -7.44
C LEU B 141 21.28 9.34 -6.05
N LEU B 142 22.06 8.94 -5.06
CA LEU B 142 21.87 9.55 -3.76
C LEU B 142 22.32 10.99 -3.77
N ASN B 143 23.56 11.26 -4.20
CA ASN B 143 23.99 12.67 -4.15
C ASN B 143 23.42 13.56 -5.27
N GLN B 144 22.26 13.17 -5.80
CA GLN B 144 21.32 14.11 -6.45
C GLN B 144 20.61 14.88 -5.33
N GLN B 145 20.65 14.28 -4.13
CA GLN B 145 19.87 14.67 -2.94
C GLN B 145 18.47 15.17 -3.27
N LEU B 146 17.68 14.37 -3.96
CA LEU B 146 16.29 14.71 -4.18
C LEU B 146 15.50 14.36 -2.94
N THR B 147 14.38 15.05 -2.78
CA THR B 147 13.28 14.42 -2.08
C THR B 147 11.96 14.96 -2.65
N GLY B 148 11.25 14.07 -3.33
CA GLY B 148 9.94 14.34 -3.84
C GLY B 148 8.93 13.56 -3.02
N ILE B 149 7.81 13.19 -3.66
CA ILE B 149 6.72 12.50 -2.97
C ILE B 149 7.23 11.40 -2.02
N ASP B 150 8.20 10.60 -2.44
CA ASP B 150 8.61 9.40 -1.68
C ASP B 150 9.94 9.51 -0.89
N VAL B 151 9.79 9.76 0.40
CA VAL B 151 10.91 10.02 1.30
C VAL B 151 11.80 8.80 1.60
N TYR B 152 11.39 7.61 1.16
CA TYR B 152 12.08 6.37 1.49
C TYR B 152 13.01 5.90 0.38
N GLN B 153 12.88 6.56 -0.76
CA GLN B 153 13.59 6.15 -1.98
C GLN B 153 15.14 6.12 -1.82
N ASN B 154 15.75 7.18 -1.27
CA ASN B 154 17.17 7.18 -0.97
C ASN B 154 17.53 6.01 -0.03
N LEU B 155 16.66 5.71 0.93
CA LEU B 155 16.99 4.63 1.87
C LEU B 155 16.95 3.30 1.13
N TYR B 156 16.03 3.17 0.14
CA TYR B 156 15.95 1.93 -0.63
C TYR B 156 17.23 1.85 -1.45
N ILE B 157 17.59 2.97 -2.07
CA ILE B 157 18.84 3.00 -2.76
C ILE B 157 20.03 2.65 -1.80
N GLU B 158 19.95 3.13 -0.58
CA GLU B 158 20.97 2.78 0.37
C GLU B 158 20.95 1.30 0.74
N ASN B 159 19.78 0.69 0.76
CA ASN B 159 19.73 -0.72 1.14
C ASN B 159 20.39 -1.58 0.08
N ALA B 160 20.16 -1.24 -1.19
CA ALA B 160 20.84 -1.86 -2.28
C ALA B 160 22.34 -1.77 -2.12
N ILE B 161 22.88 -0.54 -1.98
CA ILE B 161 24.36 -0.38 -1.80
C ILE B 161 24.90 -1.25 -0.67
N ALA B 162 24.27 -1.15 0.51
CA ALA B 162 24.73 -1.93 1.66
C ALA B 162 24.76 -3.43 1.37
N ASN B 163 23.72 -3.97 0.72
CA ASN B 163 23.71 -5.39 0.27
C ASN B 163 24.79 -5.79 -0.71
N ILE B 164 24.99 -4.99 -1.76
CA ILE B 164 26.05 -5.32 -2.71
C ILE B 164 27.41 -5.33 -2.01
N TYR B 165 27.63 -4.39 -1.09
CA TYR B 165 28.91 -4.40 -0.36
C TYR B 165 28.99 -5.73 0.43
N ALA B 166 27.96 -5.98 1.24
CA ALA B 166 27.96 -7.13 2.14
C ALA B 166 28.05 -8.46 1.42
N GLU B 167 27.15 -8.68 0.52
CA GLU B 167 27.20 -9.85 -0.32
C GLU B 167 28.51 -10.02 -1.11
N ASN B 168 29.32 -8.97 -1.27
CA ASN B 168 30.66 -9.10 -1.90
C ASN B 168 31.85 -9.09 -0.94
N GLY B 169 31.59 -9.31 0.36
CA GLY B 169 32.65 -9.44 1.38
C GLY B 169 33.00 -8.17 2.18
N TYR B 170 32.51 -6.99 1.75
CA TYR B 170 32.73 -5.75 2.52
C TYR B 170 31.73 -5.63 3.70
N LEU B 171 31.85 -6.54 4.66
CA LEU B 171 30.88 -6.69 5.72
C LEU B 171 30.78 -5.47 6.59
N LYS B 172 31.92 -4.91 6.96
CA LYS B 172 31.97 -3.75 7.83
C LYS B 172 31.42 -2.50 7.16
N LYS B 173 31.62 -2.36 5.85
CA LYS B 173 31.01 -1.26 5.14
C LYS B 173 29.51 -1.49 5.03
N GLY B 174 29.10 -2.74 4.82
CA GLY B 174 27.70 -3.10 4.73
C GLY B 174 26.96 -2.70 5.98
N ILE B 175 27.46 -3.19 7.11
CA ILE B 175 26.92 -2.92 8.43
C ILE B 175 26.89 -1.43 8.71
N ASP B 176 27.95 -0.70 8.40
CA ASP B 176 27.97 0.72 8.73
C ASP B 176 26.78 1.33 8.07
N LEU B 177 26.59 0.93 6.82
CA LEU B 177 25.48 1.42 6.04
C LEU B 177 24.10 1.04 6.59
N PHE B 178 23.91 -0.23 6.98
CA PHE B 178 22.60 -0.63 7.48
C PHE B 178 22.33 0.14 8.74
N GLU B 179 23.38 0.36 9.54
CA GLU B 179 23.26 1.25 10.69
C GLU B 179 22.81 2.63 10.28
N GLN B 180 23.46 3.22 9.28
CA GLN B 180 22.96 4.52 8.83
C GLN B 180 21.48 4.42 8.49
N ILE B 181 21.10 3.39 7.73
CA ILE B 181 19.70 3.33 7.27
C ILE B 181 18.77 3.30 8.49
N LEU B 182 18.99 2.35 9.39
CA LEU B 182 18.15 2.25 10.59
C LEU B 182 18.10 3.56 11.36
N LYS B 183 19.21 4.28 11.40
CA LYS B 183 19.18 5.54 12.11
C LYS B 183 18.19 6.50 11.44
N GLN B 184 18.10 6.48 10.12
CA GLN B 184 17.20 7.42 9.42
C GLN B 184 15.76 6.91 9.46
N LEU B 185 15.59 5.61 9.64
CA LEU B 185 14.23 5.08 9.81
C LEU B 185 13.57 5.60 11.08
N GLU B 186 14.25 5.48 12.22
CA GLU B 186 13.61 5.81 13.48
C GLU B 186 13.04 7.19 13.34
N ALA B 187 13.77 8.03 12.63
CA ALA B 187 13.40 9.41 12.41
C ALA B 187 12.17 9.61 11.50
N LEU B 188 11.84 8.63 10.68
CA LEU B 188 10.85 8.90 9.64
C LEU B 188 9.49 8.35 9.96
N HIS B 189 9.35 7.02 9.93
CA HIS B 189 8.08 6.40 10.29
C HIS B 189 6.93 6.74 9.32
N ASP B 190 6.23 5.72 8.80
CA ASP B 190 6.53 4.31 9.00
C ASP B 190 6.27 3.56 7.69
N ASN B 191 7.13 2.57 7.46
CA ASN B 191 7.11 1.77 6.25
C ASN B 191 7.80 0.50 6.73
N GLU B 192 7.11 -0.19 7.62
CA GLU B 192 7.77 -1.11 8.47
C GLU B 192 8.15 -2.35 7.72
N GLU B 193 7.57 -2.54 6.55
CA GLU B 193 8.02 -3.67 5.74
C GLU B 193 9.44 -3.51 5.30
N PHE B 194 9.83 -2.32 4.88
CA PHE B 194 11.22 -1.97 4.67
C PHE B 194 12.05 -2.08 5.95
N ASP B 195 11.59 -1.47 7.04
CA ASP B 195 12.26 -1.56 8.33
C ASP B 195 12.70 -3.02 8.53
N VAL B 196 11.79 -3.96 8.30
CA VAL B 196 12.05 -5.39 8.48
C VAL B 196 13.10 -5.88 7.52
N LYS B 197 13.04 -5.45 6.27
CA LYS B 197 13.98 -5.92 5.26
C LYS B 197 15.41 -5.49 5.65
N VAL B 198 15.56 -4.25 6.10
CA VAL B 198 16.88 -3.77 6.40
C VAL B 198 17.43 -4.57 7.56
N ARG B 199 16.62 -4.77 8.58
CA ARG B 199 17.12 -5.53 9.72
C ARG B 199 17.38 -6.97 9.34
N TYR B 200 16.67 -7.51 8.38
CA TYR B 200 17.04 -8.87 8.04
C TYR B 200 18.46 -8.81 7.54
N ASN B 201 18.74 -7.93 6.59
CA ASN B 201 20.06 -7.93 5.94
C ASN B 201 21.15 -7.54 6.94
N HIS B 202 20.85 -6.60 7.79
CA HIS B 202 21.84 -6.18 8.73
C HIS B 202 22.21 -7.45 9.53
N ALA B 203 21.22 -8.29 9.82
CA ALA B 203 21.39 -9.41 10.74
C ALA B 203 22.26 -10.45 10.11
N LYS B 204 22.07 -10.61 8.81
CA LYS B 204 22.85 -11.58 8.05
C LYS B 204 24.27 -11.14 8.00
N ALA B 205 24.49 -9.84 7.82
CA ALA B 205 25.84 -9.31 7.65
C ALA B 205 26.55 -9.43 9.00
N LEU B 206 25.82 -9.14 10.07
CA LEU B 206 26.41 -9.28 11.41
C LEU B 206 26.80 -10.72 11.73
N TYR B 207 25.98 -11.64 11.27
CA TYR B 207 26.26 -13.06 11.39
C TYR B 207 27.53 -13.42 10.62
N LEU B 208 27.66 -13.00 9.36
CA LEU B 208 28.90 -13.35 8.66
C LEU B 208 30.15 -12.70 9.26
N ASP B 209 29.97 -11.65 10.07
CA ASP B 209 31.10 -10.96 10.78
C ASP B 209 31.25 -11.49 12.23
N SER B 210 30.59 -12.62 12.51
CA SER B 210 30.70 -13.33 13.80
C SER B 210 30.15 -12.56 14.98
N ARG B 211 29.30 -11.58 14.67
CA ARG B 211 28.71 -10.69 15.64
C ARG B 211 27.36 -11.33 15.99
N TYR B 212 27.39 -12.47 16.69
CA TYR B 212 26.19 -13.31 16.72
C TYR B 212 25.05 -12.75 17.55
N GLU B 213 25.30 -12.37 18.80
CA GLU B 213 24.31 -11.65 19.60
C GLU B 213 23.71 -10.50 18.83
N GLU B 214 24.57 -9.62 18.32
CA GLU B 214 24.10 -8.46 17.61
C GLU B 214 23.20 -8.92 16.48
N SER B 215 23.59 -9.98 15.80
CA SER B 215 22.75 -10.51 14.78
C SER B 215 21.45 -10.94 15.42
N LEU B 216 21.50 -11.65 16.54
CA LEU B 216 20.25 -12.20 17.11
C LEU B 216 19.27 -11.16 17.60
N TYR B 217 19.79 -10.06 18.15
CA TYR B 217 18.94 -9.02 18.71
C TYR B 217 18.21 -8.41 17.57
N GLN B 218 18.91 -8.31 16.43
CA GLN B 218 18.40 -7.69 15.26
C GLN B 218 17.36 -8.62 14.63
N VAL B 219 17.61 -9.93 14.62
CA VAL B 219 16.61 -10.85 14.07
C VAL B 219 15.33 -10.85 14.91
N ASN B 220 15.46 -10.88 16.23
CA ASN B 220 14.27 -10.79 17.08
C ASN B 220 13.49 -9.50 16.83
N LYS B 221 14.19 -8.38 16.75
CA LYS B 221 13.51 -7.14 16.51
C LYS B 221 12.76 -7.19 15.19
N ALA B 222 13.29 -7.91 14.21
CA ALA B 222 12.58 -7.91 12.91
C ALA B 222 11.31 -8.73 13.01
N ILE B 223 11.42 -9.86 13.67
CA ILE B 223 10.28 -10.71 13.99
C ILE B 223 9.21 -9.89 14.71
N GLU B 224 9.62 -9.16 15.74
CA GLU B 224 8.69 -8.35 16.48
C GLU B 224 8.01 -7.41 15.50
N ILE B 225 8.73 -6.88 14.54
CA ILE B 225 8.08 -5.87 13.73
C ILE B 225 7.17 -6.58 12.77
N SER B 226 7.65 -7.71 12.28
CA SER B 226 6.94 -8.52 11.32
C SER B 226 5.60 -8.88 11.90
N CYS B 227 5.56 -9.26 13.17
CA CYS B 227 4.30 -9.66 13.76
C CYS B 227 3.41 -8.46 13.98
N ARG B 228 3.98 -7.31 14.26
CA ARG B 228 3.11 -6.15 14.52
C ARG B 228 2.44 -5.62 13.24
N ILE B 229 3.03 -5.84 12.06
CA ILE B 229 2.39 -5.35 10.84
C ILE B 229 1.78 -6.48 10.07
N ASN B 230 1.73 -7.64 10.71
CA ASN B 230 1.09 -8.80 10.15
C ASN B 230 1.71 -9.31 8.86
N SER B 231 3.02 -9.18 8.74
CA SER B 231 3.66 -9.66 7.52
C SER B 231 4.51 -10.90 7.61
N MET B 232 4.24 -11.80 6.66
CA MET B 232 5.00 -13.03 6.58
C MET B 232 6.06 -12.89 5.54
N ALA B 233 6.22 -11.73 4.93
CA ALA B 233 7.15 -11.61 3.78
C ALA B 233 8.53 -12.25 4.01
N LEU B 234 9.14 -11.92 5.14
CA LEU B 234 10.48 -12.38 5.50
C LEU B 234 10.55 -13.23 6.76
N ILE B 235 9.41 -13.55 7.35
CA ILE B 235 9.43 -14.18 8.68
C ILE B 235 10.01 -15.59 8.74
N GLY B 236 9.85 -16.37 7.68
CA GLY B 236 10.48 -17.70 7.62
C GLY B 236 11.99 -17.50 7.63
N GLN B 237 12.48 -16.58 6.80
CA GLN B 237 13.91 -16.38 6.79
C GLN B 237 14.40 -15.93 8.13
N LEU B 238 13.58 -15.14 8.84
CA LEU B 238 13.96 -14.65 10.12
C LEU B 238 14.12 -15.78 11.15
N TYR B 239 13.11 -16.63 11.30
CA TYR B 239 13.21 -17.71 12.26
C TYR B 239 14.42 -18.57 11.97
N TYR B 240 14.70 -18.74 10.69
CA TYR B 240 15.86 -19.49 10.22
C TYR B 240 17.13 -18.87 10.74
N GLN B 241 17.24 -17.57 10.50
CA GLN B 241 18.37 -16.83 11.00
C GLN B 241 18.46 -16.91 12.53
N ARG B 242 17.33 -16.81 13.18
CA ARG B 242 17.31 -16.94 14.62
C ARG B 242 17.97 -18.26 15.02
N GLY B 243 17.63 -19.33 14.30
CA GLY B 243 18.14 -20.67 14.56
C GLY B 243 19.62 -20.64 14.42
N GLU B 244 20.07 -20.02 13.34
CA GLU B 244 21.50 -19.95 13.09
C GLU B 244 22.24 -19.30 14.26
N CYS B 245 21.70 -18.19 14.76
CA CYS B 245 22.33 -17.42 15.82
C CYS B 245 22.34 -18.22 17.10
N LEU B 246 21.24 -18.91 17.38
CA LEU B 246 21.13 -19.70 18.60
C LEU B 246 22.05 -20.94 18.63
N ARG B 247 22.28 -21.57 17.49
CA ARG B 247 23.20 -22.70 17.42
C ARG B 247 24.66 -22.28 17.63
N LYS B 248 25.05 -21.13 17.06
CA LYS B 248 26.41 -20.61 17.20
C LYS B 248 26.71 -20.12 18.62
N LEU B 249 25.66 -19.68 19.31
CA LEU B 249 25.77 -19.23 20.68
C LEU B 249 25.45 -20.38 21.63
N GLU B 250 25.32 -21.57 21.04
CA GLU B 250 25.02 -22.82 21.75
C GLU B 250 23.94 -22.69 22.80
N TYR B 251 22.76 -22.27 22.36
CA TYR B 251 21.58 -22.28 23.20
C TYR B 251 21.14 -23.73 23.37
N GLU B 252 20.32 -23.95 24.38
CA GLU B 252 19.75 -25.25 24.66
C GLU B 252 19.10 -25.77 23.37
N GLU B 253 19.41 -27.01 23.01
CA GLU B 253 19.05 -27.66 21.75
C GLU B 253 17.60 -27.44 21.28
N ALA B 254 16.68 -27.46 22.23
CA ALA B 254 15.24 -27.36 21.94
C ALA B 254 14.87 -25.97 21.41
N GLU B 255 15.49 -24.94 22.00
CA GLU B 255 15.39 -23.59 21.47
C GLU B 255 15.76 -23.61 19.98
N ILE B 256 16.92 -24.18 19.69
CA ILE B 256 17.46 -24.10 18.35
C ILE B 256 16.46 -24.70 17.38
N GLU B 257 15.90 -25.83 17.78
CA GLU B 257 15.06 -26.62 16.91
C GLU B 257 13.72 -25.95 16.79
N ASP B 258 13.33 -25.22 17.83
CA ASP B 258 12.07 -24.49 17.80
C ASP B 258 12.07 -23.41 16.71
N ALA B 259 13.10 -22.58 16.70
CA ALA B 259 13.26 -21.58 15.68
C ALA B 259 13.18 -22.20 14.29
N TYR B 260 13.87 -23.33 14.07
CA TYR B 260 13.91 -23.99 12.77
C TYR B 260 12.57 -24.64 12.44
N LYS B 261 11.91 -25.18 13.47
CA LYS B 261 10.53 -25.64 13.31
C LYS B 261 9.61 -24.51 12.75
N LYS B 262 9.72 -23.32 13.32
CA LYS B 262 8.88 -22.21 12.92
C LYS B 262 9.20 -21.90 11.46
N ALA B 263 10.46 -21.63 11.20
CA ALA B 263 10.92 -21.41 9.87
C ALA B 263 10.39 -22.46 8.94
N SER B 264 10.48 -23.72 9.34
CA SER B 264 10.05 -24.79 8.46
C SER B 264 8.60 -24.58 8.10
N PHE B 265 7.77 -24.45 9.13
CA PHE B 265 6.35 -24.16 8.94
C PHE B 265 6.10 -23.02 7.94
N PHE B 266 6.81 -21.89 8.08
CA PHE B 266 6.61 -20.80 7.13
C PHE B 266 6.99 -21.21 5.72
N PHE B 267 7.96 -22.09 5.60
CA PHE B 267 8.39 -22.49 4.28
C PHE B 267 7.41 -23.37 3.49
N ASP B 268 6.66 -24.26 4.17
CA ASP B 268 5.57 -25.03 3.49
C ASP B 268 4.42 -24.11 3.11
N ILE B 269 3.85 -23.48 4.12
CA ILE B 269 2.80 -22.47 4.00
C ILE B 269 3.02 -21.51 2.81
N LEU B 270 4.26 -21.01 2.65
CA LEU B 270 4.53 -20.02 1.63
C LEU B 270 5.13 -20.74 0.45
N GLU B 271 5.17 -22.06 0.55
CA GLU B 271 5.65 -22.93 -0.52
C GLU B 271 6.96 -22.39 -1.09
N MET B 272 7.80 -21.91 -0.18
CA MET B 272 9.11 -21.39 -0.52
C MET B 272 10.04 -22.58 -0.66
N HIS B 273 9.93 -23.25 -1.81
CA HIS B 273 10.57 -24.54 -2.01
C HIS B 273 12.09 -24.47 -2.03
N ALA B 274 12.65 -23.43 -2.67
CA ALA B 274 14.13 -23.24 -2.65
C ALA B 274 14.65 -23.03 -1.22
N TYR B 275 13.95 -22.17 -0.46
CA TYR B 275 14.36 -21.88 0.92
C TYR B 275 14.18 -23.11 1.77
N LYS B 276 13.16 -23.89 1.46
CA LYS B 276 12.93 -25.09 2.23
C LYS B 276 14.05 -26.07 1.96
N GLU B 277 14.56 -26.09 0.73
CA GLU B 277 15.67 -26.97 0.37
C GLU B 277 16.82 -26.88 1.39
N ALA B 278 17.57 -25.77 1.34
CA ALA B 278 18.64 -25.49 2.28
C ALA B 278 18.29 -25.99 3.68
N LEU B 279 17.18 -25.51 4.21
CA LEU B 279 16.76 -25.83 5.57
C LEU B 279 16.76 -27.31 5.88
N VAL B 280 16.19 -28.11 4.97
CA VAL B 280 16.01 -29.54 5.20
C VAL B 280 17.36 -30.30 5.16
N ASN B 281 18.32 -29.75 4.43
CA ASN B 281 19.68 -30.28 4.45
C ASN B 281 20.21 -30.18 5.88
N LYS B 282 20.43 -28.94 6.32
CA LYS B 282 21.15 -28.63 7.54
C LYS B 282 20.73 -29.42 8.79
N ILE B 283 19.42 -29.46 9.04
CA ILE B 283 18.88 -29.93 10.32
C ILE B 283 19.30 -31.37 10.64
N SER B 284 19.72 -32.11 9.61
CA SER B 284 20.33 -33.42 9.86
C SER B 284 21.83 -33.40 9.53
N ARG B 285 22.19 -32.56 8.56
CA ARG B 285 23.57 -32.48 8.07
C ARG B 285 24.49 -31.89 9.13
N LEU B 286 24.09 -30.74 9.68
CA LEU B 286 24.87 -30.07 10.71
C LEU B 286 24.61 -30.64 12.09
N LEU C 1 -15.86 -16.05 16.17
CA LEU C 1 -15.34 -14.69 16.54
C LEU C 1 -16.18 -13.65 15.78
N PRO C 2 -15.83 -12.34 15.88
CA PRO C 2 -16.57 -11.31 15.13
C PRO C 2 -16.40 -11.34 13.61
N PHE C 3 -17.32 -10.69 12.90
CA PHE C 3 -17.12 -10.40 11.49
C PHE C 3 -16.09 -9.26 11.36
N GLU C 4 -15.45 -9.17 10.19
CA GLU C 4 -14.30 -8.27 9.96
C GLU C 4 -14.56 -7.13 8.97
N PHE C 5 -14.50 -5.91 9.50
CA PHE C 5 -14.66 -4.68 8.71
C PHE C 5 -13.31 -4.11 8.22
N LEU D 1 20.96 -18.44 3.36
CA LEU D 1 20.08 -17.64 2.46
C LEU D 1 20.75 -16.32 2.09
N PRO D 2 20.38 -15.73 0.92
CA PRO D 2 20.93 -14.43 0.51
C PRO D 2 20.19 -13.21 1.10
N PHE D 3 20.68 -12.03 0.73
CA PHE D 3 20.18 -10.74 1.17
C PHE D 3 18.92 -10.32 0.39
N GLU D 4 18.17 -9.38 0.95
CA GLU D 4 16.88 -8.94 0.37
C GLU D 4 16.88 -7.52 -0.21
N PHE D 5 16.69 -7.49 -1.52
CA PHE D 5 16.63 -6.24 -2.25
C PHE D 5 15.19 -5.66 -2.37
C1 PEG E . -12.28 -2.77 3.66
O1 PEG E . -12.60 -3.05 4.99
C2 PEG E . -10.76 -2.79 3.58
O2 PEG E . -10.24 -3.99 2.98
C3 PEG E . -8.79 -3.73 2.87
C4 PEG E . -7.97 -4.78 3.68
O4 PEG E . -8.63 -5.08 4.93
C1 PEG F . -31.81 10.47 4.68
O1 PEG F . -31.20 11.43 3.82
C2 PEG F . -32.99 9.85 3.94
O2 PEG F . -32.54 9.42 2.59
C3 PEG F . -33.63 9.11 1.63
C4 PEG F . -33.19 8.34 0.36
O4 PEG F . -32.54 9.21 -0.59
C1 PEG G . -21.76 17.70 8.64
O1 PEG G . -22.11 18.12 7.31
C2 PEG G . -21.30 16.21 8.61
O2 PEG G . -22.24 15.21 8.11
C3 PEG G . -22.78 14.29 9.09
C4 PEG G . -23.50 13.17 8.33
O4 PEG G . -23.58 13.51 6.96
C1 PEG H . 9.34 -2.85 1.31
O1 PEG H . 9.63 -4.25 1.18
C2 PEG H . 10.02 -2.04 0.20
O2 PEG H . 11.42 -2.45 0.03
C3 PEG H . 12.11 -1.58 -0.93
C4 PEG H . 13.26 -2.32 -1.59
O4 PEG H . 12.76 -3.53 -2.18
#